data_5NBI
#
_entry.id   5NBI
#
_cell.length_a   67.909
_cell.length_b   67.909
_cell.length_c   182.181
_cell.angle_alpha   90.00
_cell.angle_beta   90.00
_cell.angle_gamma   120.00
#
_symmetry.space_group_name_H-M   'P 31 2 1'
#
loop_
_entity.id
_entity.type
_entity.pdbx_description
1 polymer 'Design of antibodies'
2 polymer 'Design of antibodies'
3 water water
#
loop_
_entity_poly.entity_id
_entity_poly.type
_entity_poly.pdbx_seq_one_letter_code
_entity_poly.pdbx_strand_id
1 'polypeptide(L)'
;QVQLQETGGGLVQPGGSMKISCVTSGFNFSHAWMSWVRQSPGKGLEWVAEIRNKSDGYTTYYAPSVKGRFTVSRDDSQNM
VYLQMNNLRAEDTGIYYCAQSSPYSRAMDYWGQGTTVTVSSASTKGPSVFPLAPSSKSTSGGTAALGCLVKDYFPEPVTV
SWNSGALTSGVHTFPAVLQSSGLYSLSSVVTVPSSSLGTQTYICNVNHKPSNTKVDKRVEPKSCDKTHTCPPC
;
H
2 'polypeptide(L)'
;DIVLTQTPLTLPVSPGQRATISCRASQSVDDNGHSFMNWYQQKPGQPPKLLVHAASYVKSGVPARFSGSGSGTDFTLTIH
PVEPEDFATYYCQQGYSHPWTFGGGTKLEIKRTVAAPSVFIFPPSDEQLKSGTASVVCLLNNFYPREAKVQWKVDNALQS
GNSQESVTEQDSKDSTYSLSSTLTLSKADYEKHKVYACEVTHQGLSSPVTKSFNRGEC
;
L
#
# COMPACT_ATOMS: atom_id res chain seq x y z
N GLN A 3 -3.84 18.60 -16.25
CA GLN A 3 -4.60 18.04 -17.40
C GLN A 3 -5.86 17.23 -16.99
N LEU A 4 -5.79 16.48 -15.89
CA LEU A 4 -6.95 15.74 -15.32
C LEU A 4 -7.05 15.89 -13.78
N GLN A 5 -8.27 16.03 -13.26
CA GLN A 5 -8.47 16.22 -11.81
C GLN A 5 -9.84 15.70 -11.33
N GLU A 6 -9.81 14.71 -10.43
CA GLU A 6 -11.01 14.02 -9.91
C GLU A 6 -11.53 14.71 -8.65
N THR A 7 -12.85 14.65 -8.42
CA THR A 7 -13.50 15.15 -7.19
C THR A 7 -14.70 14.29 -6.80
N GLY A 8 -15.11 14.42 -5.53
CA GLY A 8 -16.38 13.86 -5.04
C GLY A 8 -16.25 12.69 -4.07
N GLY A 9 -15.05 12.14 -3.95
CA GLY A 9 -14.84 11.02 -3.06
C GLY A 9 -14.95 11.35 -1.58
N GLY A 10 -15.28 10.33 -0.80
CA GLY A 10 -15.46 10.49 0.64
C GLY A 10 -15.98 9.20 1.26
N LEU A 11 -16.62 9.35 2.42
CA LEU A 11 -17.10 8.23 3.21
C LEU A 11 -18.54 7.94 2.87
N VAL A 12 -18.90 6.66 2.85
CA VAL A 12 -20.28 6.25 2.63
C VAL A 12 -20.41 4.86 3.21
N GLN A 13 -21.64 4.50 3.58
CA GLN A 13 -21.94 3.20 4.16
C GLN A 13 -22.33 2.20 3.08
N PRO A 14 -22.15 0.89 3.35
CA PRO A 14 -22.57 -0.15 2.40
C PRO A 14 -24.04 0.00 2.09
N GLY A 15 -24.41 -0.07 0.81
CA GLY A 15 -25.78 0.13 0.34
C GLY A 15 -25.98 1.52 -0.25
N GLY A 16 -25.15 2.48 0.21
CA GLY A 16 -25.20 3.84 -0.26
C GLY A 16 -24.73 4.10 -1.69
N SER A 17 -24.73 5.38 -2.01
CA SER A 17 -24.50 5.90 -3.34
C SER A 17 -23.51 7.04 -3.25
N MET A 18 -22.79 7.27 -4.33
CA MET A 18 -21.86 8.37 -4.42
C MET A 18 -21.65 8.70 -5.90
N LYS A 19 -21.50 9.98 -6.22
CA LYS A 19 -21.16 10.40 -7.58
C LYS A 19 -19.80 11.11 -7.57
N ILE A 20 -18.86 10.66 -8.39
CA ILE A 20 -17.58 11.36 -8.55
C ILE A 20 -17.45 11.90 -9.97
N SER A 21 -16.58 12.90 -10.09
CA SER A 21 -16.37 13.65 -11.32
C SER A 21 -14.92 13.83 -11.62
N CYS A 22 -14.63 14.14 -12.88
CA CYS A 22 -13.29 14.40 -13.35
C CYS A 22 -13.33 15.51 -14.39
N VAL A 23 -12.61 16.59 -14.10
CA VAL A 23 -12.43 17.72 -15.03
C VAL A 23 -11.13 17.48 -15.79
N THR A 24 -11.10 17.85 -17.07
CA THR A 24 -9.89 17.65 -17.90
C THR A 24 -9.48 18.91 -18.70
N SER A 25 -8.27 18.87 -19.27
CA SER A 25 -7.79 19.87 -20.22
C SER A 25 -6.47 19.43 -20.88
N GLY A 26 -6.04 20.21 -21.87
CA GLY A 26 -4.78 19.98 -22.58
C GLY A 26 -4.86 19.00 -23.73
N PHE A 27 -6.07 18.61 -24.12
CA PHE A 27 -6.30 17.73 -25.30
C PHE A 27 -7.77 17.76 -25.67
N ASN A 28 -8.07 17.29 -26.87
CA ASN A 28 -9.42 17.34 -27.42
C ASN A 28 -10.28 16.32 -26.68
N PHE A 29 -11.11 16.83 -25.76
CA PHE A 29 -11.95 16.00 -24.90
C PHE A 29 -13.07 15.31 -25.64
N SER A 30 -13.72 16.03 -26.54
CA SER A 30 -14.88 15.51 -27.27
C SER A 30 -14.52 14.30 -28.13
N HIS A 31 -13.29 14.26 -28.64
CA HIS A 31 -12.73 13.13 -29.40
C HIS A 31 -12.27 11.95 -28.52
N ALA A 32 -11.85 12.24 -27.30
CA ALA A 32 -11.22 11.22 -26.45
C ALA A 32 -12.18 10.14 -25.95
N TRP A 33 -11.63 8.95 -25.76
CA TRP A 33 -12.26 7.92 -24.91
C TRP A 33 -11.78 8.15 -23.49
N MET A 34 -12.66 8.01 -22.52
CA MET A 34 -12.29 8.22 -21.09
C MET A 34 -12.60 6.97 -20.27
N SER A 35 -11.70 6.61 -19.35
CA SER A 35 -11.92 5.48 -18.45
C SER A 35 -11.80 5.86 -16.98
N TRP A 36 -12.42 5.03 -16.14
CA TRP A 36 -12.20 5.01 -14.70
C TRP A 36 -11.44 3.74 -14.32
N VAL A 37 -10.45 3.88 -13.45
CA VAL A 37 -9.67 2.78 -12.91
C VAL A 37 -9.57 3.04 -11.43
N ARG A 38 -9.62 1.99 -10.64
CA ARG A 38 -9.54 2.16 -9.22
C ARG A 38 -8.39 1.34 -8.67
N GLN A 39 -7.90 1.77 -7.53
CA GLN A 39 -6.78 1.12 -6.88
C GLN A 39 -7.15 0.88 -5.45
N SER A 40 -7.29 -0.36 -5.04
CA SER A 40 -7.50 -0.64 -3.61
C SER A 40 -6.19 -1.14 -3.05
N PRO A 41 -5.75 -0.58 -1.91
CA PRO A 41 -4.41 -0.92 -1.42
C PRO A 41 -4.36 -2.43 -1.24
N GLY A 42 -3.52 -3.10 -2.02
CA GLY A 42 -3.47 -4.56 -2.04
C GLY A 42 -4.59 -5.25 -2.82
N LYS A 43 -5.02 -4.64 -3.90
CA LYS A 43 -5.65 -5.37 -5.01
C LYS A 43 -5.17 -4.81 -6.36
N GLY A 44 -4.09 -4.02 -6.35
CA GLY A 44 -3.52 -3.34 -7.51
C GLY A 44 -4.50 -2.45 -8.25
N LEU A 45 -4.35 -2.38 -9.56
CA LEU A 45 -5.17 -1.55 -10.41
C LEU A 45 -6.27 -2.41 -10.95
N GLU A 46 -7.47 -1.87 -10.96
CA GLU A 46 -8.63 -2.55 -11.54
C GLU A 46 -9.38 -1.59 -12.45
N TRP A 47 -9.48 -1.91 -13.72
CA TRP A 47 -10.31 -1.12 -14.62
C TRP A 47 -11.80 -1.25 -14.22
N VAL A 48 -12.51 -0.12 -14.31
CA VAL A 48 -13.88 -0.01 -13.83
C VAL A 48 -14.89 0.31 -14.97
N ALA A 49 -14.62 1.33 -15.76
CA ALA A 49 -15.55 1.73 -16.79
C ALA A 49 -14.89 2.55 -17.85
N GLU A 50 -15.57 2.64 -18.99
CA GLU A 50 -15.08 3.33 -20.15
C GLU A 50 -16.25 4.02 -20.86
N ILE A 51 -15.99 5.21 -21.40
CA ILE A 51 -16.96 5.87 -22.27
C ILE A 51 -16.23 6.48 -23.47
N ARG A 52 -16.70 6.19 -24.67
CA ARG A 52 -16.05 6.76 -25.81
C ARG A 52 -17.02 7.68 -26.53
N ASN A 53 -16.55 8.18 -27.66
CA ASN A 53 -17.31 8.94 -28.66
C ASN A 53 -16.53 9.15 -29.92
N LYS A 54 -15.47 9.90 -29.81
CA LYS A 54 -14.62 10.23 -30.97
C LYS A 54 -15.41 10.73 -32.19
N SER A 55 -16.30 9.88 -32.67
CA SER A 55 -17.23 10.12 -33.74
C SER A 55 -18.70 9.72 -33.41
N ASP A 56 -18.95 8.64 -32.64
CA ASP A 56 -20.33 8.11 -32.49
C ASP A 56 -20.59 7.12 -31.32
N GLY A 57 -21.69 7.37 -30.58
CA GLY A 57 -22.35 6.36 -29.73
C GLY A 57 -22.40 6.62 -28.23
N TYR A 58 -21.40 7.30 -27.67
CA TYR A 58 -21.24 7.33 -26.21
C TYR A 58 -21.33 5.90 -25.61
N THR A 59 -20.75 4.94 -26.32
CA THR A 59 -20.81 3.52 -25.95
C THR A 59 -20.11 3.38 -24.60
N THR A 60 -20.75 2.68 -23.65
CA THR A 60 -20.20 2.46 -22.32
C THR A 60 -19.85 0.98 -22.10
N TYR A 61 -18.75 0.75 -21.39
CA TYR A 61 -18.31 -0.58 -21.00
C TYR A 61 -17.98 -0.59 -19.50
N TYR A 62 -18.22 -1.72 -18.82
CA TYR A 62 -18.07 -1.83 -17.38
C TYR A 62 -17.33 -3.11 -17.01
N ALA A 63 -16.61 -3.07 -15.88
CA ALA A 63 -16.07 -4.30 -15.29
C ALA A 63 -17.28 -5.11 -14.86
N PRO A 64 -17.28 -6.44 -15.07
CA PRO A 64 -18.43 -7.28 -14.69
C PRO A 64 -18.97 -7.03 -13.27
N SER A 65 -18.08 -6.83 -12.32
CA SER A 65 -18.47 -6.74 -10.92
C SER A 65 -19.06 -5.38 -10.50
N VAL A 66 -19.12 -4.42 -11.40
CA VAL A 66 -19.76 -3.15 -11.14
C VAL A 66 -20.87 -2.83 -12.13
N LYS A 67 -21.00 -3.61 -13.21
CA LYS A 67 -22.03 -3.37 -14.22
C LYS A 67 -23.44 -3.35 -13.58
N GLY A 68 -24.24 -2.37 -13.99
CA GLY A 68 -25.56 -2.15 -13.40
C GLY A 68 -25.51 -1.21 -12.21
N ARG A 69 -24.59 -1.49 -11.26
CA ARG A 69 -24.38 -0.66 -10.08
C ARG A 69 -23.83 0.71 -10.41
N PHE A 70 -22.87 0.74 -11.33
CA PHE A 70 -22.12 1.95 -11.65
C PHE A 70 -22.56 2.46 -13.00
N THR A 71 -22.52 3.78 -13.17
CA THR A 71 -22.86 4.42 -14.43
C THR A 71 -21.85 5.50 -14.77
N VAL A 72 -21.18 5.35 -15.91
CA VAL A 72 -20.27 6.37 -16.42
C VAL A 72 -21.04 7.27 -17.40
N SER A 73 -20.85 8.59 -17.29
CA SER A 73 -21.43 9.53 -18.24
C SER A 73 -20.41 10.61 -18.47
N ARG A 74 -20.68 11.46 -19.44
CA ARG A 74 -19.82 12.61 -19.73
C ARG A 74 -20.63 13.82 -20.16
N ASP A 75 -19.98 14.97 -20.10
CA ASP A 75 -20.51 16.23 -20.61
C ASP A 75 -19.38 16.90 -21.40
N ASP A 76 -19.46 16.82 -22.73
CA ASP A 76 -18.41 17.34 -23.61
C ASP A 76 -18.17 18.84 -23.46
N SER A 77 -19.25 19.60 -23.24
CA SER A 77 -19.17 21.06 -23.12
C SER A 77 -18.35 21.55 -21.92
N GLN A 78 -18.30 20.76 -20.84
CA GLN A 78 -17.50 21.11 -19.66
C GLN A 78 -16.23 20.27 -19.48
N ASN A 79 -16.01 19.32 -20.39
CA ASN A 79 -14.87 18.39 -20.31
C ASN A 79 -14.90 17.61 -19.01
N MET A 80 -16.06 17.03 -18.72
CA MET A 80 -16.32 16.34 -17.46
C MET A 80 -16.67 14.90 -17.75
N VAL A 81 -16.06 13.98 -17.00
CA VAL A 81 -16.50 12.59 -16.94
C VAL A 81 -17.06 12.36 -15.56
N TYR A 82 -18.08 11.53 -15.46
CA TYR A 82 -18.77 11.25 -14.21
C TYR A 82 -18.81 9.76 -13.95
N LEU A 83 -18.81 9.37 -12.69
CA LEU A 83 -19.09 8.01 -12.29
C LEU A 83 -20.09 8.05 -11.14
N GLN A 84 -21.27 7.48 -11.40
CA GLN A 84 -22.36 7.38 -10.43
C GLN A 84 -22.25 5.97 -9.93
N MET A 85 -22.15 5.79 -8.62
CA MET A 85 -21.96 4.50 -8.03
C MET A 85 -23.09 4.25 -7.04
N ASN A 86 -23.91 3.22 -7.26
CA ASN A 86 -24.95 2.81 -6.30
C ASN A 86 -24.66 1.44 -5.73
N ASN A 87 -25.39 1.10 -4.66
CA ASN A 87 -25.29 -0.20 -3.97
C ASN A 87 -23.83 -0.53 -3.66
N LEU A 88 -23.15 0.43 -3.04
CA LEU A 88 -21.70 0.32 -2.79
C LEU A 88 -21.39 -0.75 -1.74
N ARG A 89 -20.27 -1.43 -1.93
CA ARG A 89 -19.80 -2.48 -1.01
C ARG A 89 -18.43 -2.10 -0.51
N ALA A 90 -18.02 -2.72 0.59
CA ALA A 90 -16.70 -2.48 1.13
C ALA A 90 -15.59 -2.75 0.10
N GLU A 91 -15.82 -3.70 -0.81
CA GLU A 91 -14.84 -4.08 -1.83
C GLU A 91 -14.56 -2.95 -2.83
N ASP A 92 -15.49 -1.99 -2.93
CA ASP A 92 -15.36 -0.84 -3.83
C ASP A 92 -14.47 0.27 -3.28
N THR A 93 -14.01 0.13 -2.03
CA THR A 93 -13.13 1.11 -1.39
C THR A 93 -11.84 1.23 -2.21
N GLY A 94 -11.41 2.44 -2.49
CA GLY A 94 -10.19 2.63 -3.27
C GLY A 94 -10.00 4.07 -3.69
N ILE A 95 -8.89 4.29 -4.40
CA ILE A 95 -8.61 5.54 -5.09
C ILE A 95 -9.15 5.34 -6.49
N TYR A 96 -9.98 6.27 -6.95
CA TYR A 96 -10.56 6.18 -8.28
C TYR A 96 -9.89 7.24 -9.14
N TYR A 97 -9.35 6.83 -10.29
CA TYR A 97 -8.68 7.71 -11.24
C TYR A 97 -9.49 7.77 -12.52
N CYS A 98 -9.58 8.93 -13.15
CA CYS A 98 -10.09 9.00 -14.53
C CYS A 98 -8.86 9.05 -15.43
N ALA A 99 -9.01 8.55 -16.65
CA ALA A 99 -7.90 8.55 -17.62
C ALA A 99 -8.39 8.58 -19.04
N GLN A 100 -7.54 9.07 -19.93
CA GLN A 100 -7.79 9.06 -21.36
C GLN A 100 -7.37 7.68 -21.90
N SER A 101 -8.31 6.95 -22.49
CA SER A 101 -8.03 5.65 -23.12
C SER A 101 -7.64 5.89 -24.57
N SER A 102 -6.48 5.38 -25.00
CA SER A 102 -6.02 5.51 -26.41
C SER A 102 -6.79 4.60 -27.35
N PRO A 103 -7.22 5.14 -28.52
CA PRO A 103 -7.89 4.26 -29.47
C PRO A 103 -6.97 3.21 -30.10
N TYR A 104 -5.67 3.51 -30.17
CA TYR A 104 -4.70 2.61 -30.74
C TYR A 104 -4.56 1.35 -29.86
N SER A 105 -3.93 1.50 -28.69
CA SER A 105 -3.49 0.37 -27.87
C SER A 105 -4.43 0.06 -26.70
N ARG A 106 -5.49 0.84 -26.57
CA ARG A 106 -6.33 0.83 -25.39
C ARG A 106 -5.52 0.93 -24.10
N ALA A 107 -4.44 1.71 -24.17
CA ALA A 107 -3.66 2.10 -23.01
C ALA A 107 -4.36 3.29 -22.37
N MET A 108 -4.10 3.53 -21.10
CA MET A 108 -4.57 4.72 -20.43
C MET A 108 -3.42 5.74 -20.29
N ASP A 109 -3.59 6.91 -20.95
CA ASP A 109 -2.47 7.80 -21.32
C ASP A 109 -2.15 8.88 -20.29
N TYR A 110 -3.17 9.43 -19.62
CA TYR A 110 -3.00 10.62 -18.76
C TYR A 110 -3.94 10.59 -17.57
N TRP A 111 -3.44 10.17 -16.44
CA TRP A 111 -4.29 9.89 -15.28
C TRP A 111 -4.29 11.08 -14.31
N GLY A 112 -5.42 11.33 -13.66
CA GLY A 112 -5.50 12.38 -12.63
C GLY A 112 -4.87 11.89 -11.34
N GLN A 113 -4.95 12.71 -10.30
CA GLN A 113 -4.32 12.39 -9.01
C GLN A 113 -5.16 11.39 -8.20
N GLY A 114 -6.46 11.36 -8.46
CA GLY A 114 -7.33 10.33 -7.90
C GLY A 114 -8.15 10.88 -6.73
N THR A 115 -9.31 10.27 -6.51
CA THR A 115 -10.16 10.63 -5.39
C THR A 115 -10.52 9.34 -4.66
N THR A 116 -10.47 9.36 -3.33
CA THR A 116 -10.68 8.13 -2.60
C THR A 116 -12.13 8.01 -2.13
N VAL A 117 -12.67 6.81 -2.36
CA VAL A 117 -13.99 6.39 -1.98
C VAL A 117 -13.76 5.37 -0.89
N THR A 118 -14.36 5.57 0.28
CA THR A 118 -14.27 4.62 1.38
C THR A 118 -15.67 4.13 1.81
N VAL A 119 -15.90 2.84 1.77
CA VAL A 119 -17.21 2.26 1.97
C VAL A 119 -17.07 1.40 3.21
N SER A 120 -17.74 1.80 4.27
CA SER A 120 -17.71 1.07 5.53
C SER A 120 -18.86 1.45 6.46
N SER A 121 -19.20 0.52 7.37
CA SER A 121 -20.17 0.76 8.44
C SER A 121 -19.60 1.58 9.59
N ALA A 122 -18.27 1.69 9.67
CA ALA A 122 -17.61 2.39 10.79
C ALA A 122 -17.92 3.87 10.81
N SER A 123 -18.18 4.41 11.99
CA SER A 123 -18.25 5.85 12.22
C SER A 123 -16.84 6.37 12.31
N THR A 124 -16.65 7.62 11.89
CA THR A 124 -15.38 8.33 12.09
C THR A 124 -15.04 8.35 13.55
N LYS A 125 -13.77 8.07 13.85
CA LYS A 125 -13.34 7.98 15.22
C LYS A 125 -11.84 8.23 15.29
N GLY A 126 -11.42 9.11 16.20
CA GLY A 126 -10.00 9.33 16.48
C GLY A 126 -9.35 8.15 17.21
N PRO A 127 -8.04 8.01 17.10
CA PRO A 127 -7.36 6.84 17.66
C PRO A 127 -7.21 6.84 19.18
N SER A 128 -7.16 5.66 19.79
CA SER A 128 -6.60 5.54 21.15
C SER A 128 -5.09 5.32 20.97
N VAL A 129 -4.27 6.03 21.75
CA VAL A 129 -2.82 5.98 21.61
C VAL A 129 -2.21 5.39 22.89
N PHE A 130 -1.49 4.29 22.74
CA PHE A 130 -0.88 3.58 23.86
C PHE A 130 0.65 3.59 23.73
N PRO A 131 1.35 3.61 24.88
CA PRO A 131 2.82 3.53 24.82
C PRO A 131 3.34 2.12 24.53
N LEU A 132 4.47 2.07 23.83
CA LEU A 132 5.29 0.88 23.69
C LEU A 132 6.57 1.27 24.41
N ALA A 133 6.61 0.90 25.68
CA ALA A 133 7.62 1.37 26.61
C ALA A 133 8.95 0.71 26.33
N PRO A 134 10.06 1.49 26.37
CA PRO A 134 11.36 0.81 26.31
C PRO A 134 11.49 -0.32 27.37
N SER A 135 12.09 -1.44 26.96
CA SER A 135 12.34 -2.60 27.82
C SER A 135 13.45 -2.24 28.78
N SER A 136 13.38 -2.74 30.01
CA SER A 136 14.46 -2.60 30.99
C SER A 136 15.63 -3.55 30.64
N LYS A 137 16.86 -3.11 30.91
CA LYS A 137 18.09 -3.84 30.50
C LYS A 137 18.32 -3.81 28.99
N SER A 138 19.60 -3.93 28.60
CA SER A 138 20.07 -3.71 27.24
C SER A 138 19.49 -2.42 26.60
N SER A 140 22.03 -4.53 24.41
CA SER A 140 23.35 -5.10 24.19
C SER A 140 24.33 -3.99 23.76
N GLY A 141 23.87 -3.04 22.91
CA GLY A 141 24.75 -2.00 22.34
C GLY A 141 24.51 -0.56 22.76
N GLY A 142 23.52 -0.34 23.66
CA GLY A 142 23.20 0.98 24.17
C GLY A 142 22.09 1.70 23.41
N THR A 143 21.30 0.95 22.64
CA THR A 143 20.12 1.47 21.91
C THR A 143 18.87 0.84 22.50
N ALA A 144 17.84 1.66 22.74
CA ALA A 144 16.54 1.15 23.16
C ALA A 144 15.50 1.58 22.13
N ALA A 145 14.56 0.71 21.81
CA ALA A 145 13.46 1.09 20.96
C ALA A 145 12.22 1.39 21.81
N LEU A 146 11.44 2.38 21.40
CA LEU A 146 10.20 2.70 22.06
C LEU A 146 9.24 3.16 21.01
N GLY A 147 7.98 3.28 21.38
CA GLY A 147 7.00 3.72 20.41
C GLY A 147 5.62 3.99 20.97
N CYS A 148 4.71 4.17 20.02
CA CYS A 148 3.29 4.44 20.24
C CYS A 148 2.48 3.52 19.38
N LEU A 149 1.53 2.82 20.00
CA LEU A 149 0.50 2.04 19.33
C LEU A 149 -0.72 2.97 19.10
N VAL A 150 -1.09 3.14 17.83
CA VAL A 150 -2.16 4.05 17.47
C VAL A 150 -3.30 3.19 16.96
N LYS A 151 -4.30 2.98 17.83
CA LYS A 151 -5.27 1.93 17.63
C LYS A 151 -6.73 2.45 17.51
N ASP A 152 -7.50 1.73 16.69
CA ASP A 152 -8.96 1.88 16.59
C ASP A 152 -9.40 3.27 16.10
N TYR A 153 -8.94 3.62 14.91
CA TYR A 153 -9.40 4.86 14.27
C TYR A 153 -9.98 4.58 12.89
N PHE A 154 -10.78 5.56 12.42
CA PHE A 154 -11.42 5.49 11.12
C PHE A 154 -11.82 6.90 10.66
N PRO A 155 -11.64 7.26 9.38
CA PRO A 155 -10.93 6.50 8.37
C PRO A 155 -9.44 6.80 8.46
N GLU A 156 -8.69 6.23 7.53
CA GLU A 156 -7.33 6.70 7.26
C GLU A 156 -7.37 8.15 6.74
N PRO A 157 -6.30 8.94 6.93
CA PRO A 157 -5.04 8.51 7.58
C PRO A 157 -4.81 9.18 8.95
N VAL A 158 -3.80 8.69 9.67
CA VAL A 158 -3.21 9.41 10.79
C VAL A 158 -1.75 9.81 10.43
N THR A 159 -1.25 10.88 11.04
CA THR A 159 0.15 11.18 10.95
C THR A 159 0.72 11.19 12.37
N VAL A 160 1.95 10.69 12.48
CA VAL A 160 2.65 10.61 13.74
C VAL A 160 3.97 11.37 13.58
N SER A 161 4.29 12.18 14.57
CA SER A 161 5.62 12.77 14.68
C SER A 161 6.09 12.56 16.09
N TRP A 162 7.34 12.88 16.33
CA TRP A 162 7.97 12.66 17.62
C TRP A 162 8.55 13.95 18.14
N ASN A 163 8.17 14.31 19.37
CA ASN A 163 8.68 15.53 20.05
C ASN A 163 8.43 16.75 19.14
N SER A 164 7.22 16.80 18.57
CA SER A 164 6.76 17.88 17.69
C SER A 164 7.66 18.12 16.47
N GLY A 165 8.15 17.02 15.88
CA GLY A 165 8.99 17.08 14.69
C GLY A 165 10.47 17.22 14.93
N ALA A 166 10.88 17.39 16.19
CA ALA A 166 12.28 17.50 16.54
C ALA A 166 13.04 16.17 16.55
N LEU A 167 12.34 15.03 16.61
CA LEU A 167 12.97 13.71 16.53
C LEU A 167 12.51 13.02 15.25
N THR A 168 13.44 12.90 14.28
CA THR A 168 13.17 12.23 13.00
C THR A 168 14.07 11.01 12.72
N SER A 169 15.35 11.09 13.03
CA SER A 169 16.25 9.95 12.82
C SER A 169 15.76 8.67 13.51
N GLY A 170 15.73 7.58 12.75
CA GLY A 170 15.31 6.28 13.26
C GLY A 170 13.84 6.10 13.58
N VAL A 171 12.98 7.03 13.13
CA VAL A 171 11.56 6.83 13.28
C VAL A 171 11.06 5.92 12.16
N HIS A 172 10.22 4.96 12.53
CA HIS A 172 9.55 4.11 11.55
C HIS A 172 8.09 4.06 11.93
N THR A 173 7.25 4.62 11.08
CA THR A 173 5.81 4.58 11.26
C THR A 173 5.27 3.58 10.24
N PHE A 174 4.66 2.51 10.72
CA PHE A 174 4.23 1.43 9.88
C PHE A 174 2.91 1.81 9.16
N PRO A 175 2.62 1.19 7.99
CA PRO A 175 1.28 1.37 7.35
C PRO A 175 0.19 0.73 8.20
N ALA A 176 -0.98 1.32 8.12
CA ALA A 176 -2.14 0.86 8.89
C ALA A 176 -2.57 -0.48 8.41
N VAL A 177 -3.14 -1.27 9.31
CA VAL A 177 -3.89 -2.44 8.93
C VAL A 177 -5.33 -2.25 9.36
N LEU A 178 -6.23 -2.70 8.49
CA LEU A 178 -7.67 -2.66 8.73
C LEU A 178 -8.01 -3.88 9.52
N GLN A 179 -8.47 -3.70 10.75
CA GLN A 179 -8.83 -4.80 11.64
C GLN A 179 -10.25 -5.27 11.32
N SER A 180 -10.58 -6.48 11.73
CA SER A 180 -11.91 -7.06 11.48
C SER A 180 -13.07 -6.24 12.06
N SER A 181 -12.81 -5.41 13.08
CA SER A 181 -13.75 -4.42 13.59
C SER A 181 -14.09 -3.31 12.57
N GLY A 182 -13.33 -3.18 11.48
CA GLY A 182 -13.52 -2.08 10.57
C GLY A 182 -12.74 -0.83 10.97
N LEU A 183 -11.94 -0.92 12.05
CA LEU A 183 -11.11 0.20 12.48
C LEU A 183 -9.66 -0.10 12.08
N TYR A 184 -8.86 0.95 11.87
CA TYR A 184 -7.44 0.82 11.52
C TYR A 184 -6.55 0.88 12.74
N SER A 185 -5.35 0.32 12.60
CA SER A 185 -4.34 0.32 13.66
C SER A 185 -2.96 0.38 13.01
N LEU A 186 -2.05 1.11 13.64
CA LEU A 186 -0.62 1.03 13.33
C LEU A 186 0.21 1.34 14.56
N SER A 187 1.53 1.11 14.46
CA SER A 187 2.51 1.57 15.43
C SER A 187 3.58 2.49 14.79
N SER A 188 4.11 3.41 15.61
CA SER A 188 5.26 4.19 15.24
C SER A 188 6.35 3.91 16.29
N VAL A 189 7.56 3.60 15.82
CA VAL A 189 8.66 3.34 16.73
C VAL A 189 9.84 4.24 16.41
N VAL A 190 10.72 4.31 17.38
CA VAL A 190 11.97 5.01 17.20
C VAL A 190 13.01 4.33 18.09
N THR A 191 14.26 4.39 17.67
CA THR A 191 15.36 3.93 18.50
C THR A 191 16.11 5.14 19.03
N VAL A 192 16.44 5.08 20.33
CA VAL A 192 17.08 6.19 21.06
C VAL A 192 18.24 5.62 21.90
N PRO A 193 19.17 6.48 22.35
CA PRO A 193 20.21 5.96 23.26
C PRO A 193 19.61 5.55 24.60
N SER A 194 19.96 4.35 25.06
CA SER A 194 19.66 3.85 26.41
C SER A 194 19.97 4.83 27.52
N SER A 195 21.08 5.56 27.38
CA SER A 195 21.51 6.54 28.39
C SER A 195 20.64 7.80 28.44
N SER A 196 19.80 8.04 27.42
CA SER A 196 18.89 9.19 27.39
C SER A 196 17.59 9.00 28.17
N LEU A 197 17.27 7.78 28.55
CA LEU A 197 15.92 7.44 29.01
C LEU A 197 15.47 8.14 30.30
N GLY A 198 16.40 8.46 31.19
CA GLY A 198 16.11 9.26 32.38
C GLY A 198 15.99 10.76 32.10
N THR A 199 16.82 11.26 31.20
CA THR A 199 17.02 12.71 30.99
C THR A 199 16.14 13.28 29.88
N GLN A 200 15.90 12.49 28.82
CA GLN A 200 15.10 12.94 27.69
C GLN A 200 13.65 12.47 27.80
N THR A 201 12.72 13.36 27.52
CA THR A 201 11.31 13.00 27.40
C THR A 201 11.03 12.69 25.94
N TYR A 202 10.18 11.69 25.70
CA TYR A 202 9.82 11.22 24.35
C TYR A 202 8.31 11.18 24.24
N ILE A 203 7.76 11.98 23.33
CA ILE A 203 6.31 12.15 23.13
C ILE A 203 5.96 11.95 21.66
N CYS A 204 4.98 11.09 21.37
CA CYS A 204 4.47 10.95 20.02
C CYS A 204 3.23 11.81 19.88
N ASN A 205 3.17 12.50 18.75
CA ASN A 205 2.09 13.43 18.44
C ASN A 205 1.32 12.80 17.28
N VAL A 206 0.08 12.44 17.53
CA VAL A 206 -0.76 11.71 16.58
C VAL A 206 -1.88 12.62 16.11
N ASN A 207 -1.94 12.90 14.83
CA ASN A 207 -2.89 13.84 14.27
C ASN A 207 -3.84 13.02 13.42
N HIS A 208 -5.13 13.22 13.62
CA HIS A 208 -6.13 12.51 12.82
C HIS A 208 -7.10 13.53 12.22
N LYS A 209 -6.84 13.92 10.98
CA LYS A 209 -7.57 14.99 10.31
C LYS A 209 -9.10 14.72 10.18
N PRO A 210 -9.51 13.49 9.82
CA PRO A 210 -10.96 13.31 9.65
C PRO A 210 -11.77 13.51 10.95
N SER A 211 -11.19 13.26 12.13
CA SER A 211 -11.90 13.53 13.39
C SER A 211 -11.54 14.89 13.94
N ASN A 212 -10.58 15.56 13.29
CA ASN A 212 -9.99 16.81 13.77
C ASN A 212 -9.46 16.65 15.18
N THR A 213 -8.81 15.54 15.47
CA THR A 213 -8.23 15.31 16.81
C THR A 213 -6.71 15.18 16.74
N LYS A 214 -6.06 15.56 17.83
CA LYS A 214 -4.63 15.52 18.01
C LYS A 214 -4.41 14.93 19.40
N VAL A 215 -3.60 13.88 19.49
CA VAL A 215 -3.33 13.25 20.79
C VAL A 215 -1.82 13.15 20.96
N ASP A 216 -1.33 13.66 22.08
CA ASP A 216 0.07 13.60 22.47
C ASP A 216 0.23 12.57 23.59
N LYS A 217 1.12 11.58 23.41
CA LYS A 217 1.36 10.55 24.43
C LYS A 217 2.84 10.47 24.79
N ARG A 218 3.14 10.68 26.08
CA ARG A 218 4.48 10.45 26.62
C ARG A 218 4.69 8.94 26.81
N VAL A 219 5.86 8.47 26.41
CA VAL A 219 6.22 7.06 26.58
C VAL A 219 7.48 6.99 27.46
N GLU A 220 7.35 6.36 28.63
CA GLU A 220 8.44 6.27 29.63
C GLU A 220 8.63 4.81 30.01
N PRO A 221 9.68 4.49 30.81
CA PRO A 221 9.70 3.17 31.45
C PRO A 221 8.57 2.99 32.46
N ASP B 1 -12.45 -13.43 -18.60
CA ASP B 1 -11.54 -12.25 -18.53
C ASP B 1 -10.09 -12.70 -18.65
N ILE B 2 -9.28 -11.91 -19.36
CA ILE B 2 -7.89 -12.25 -19.59
C ILE B 2 -7.06 -11.98 -18.35
N VAL B 3 -6.57 -13.05 -17.73
CA VAL B 3 -5.80 -12.92 -16.50
C VAL B 3 -4.33 -12.77 -16.87
N LEU B 4 -3.68 -11.83 -16.18
CA LEU B 4 -2.29 -11.49 -16.42
C LEU B 4 -1.50 -11.86 -15.21
N THR B 5 -0.55 -12.75 -15.42
CA THR B 5 0.34 -13.24 -14.40
C THR B 5 1.64 -12.47 -14.56
N GLN B 6 1.87 -11.54 -13.65
CA GLN B 6 3.02 -10.66 -13.72
C GLN B 6 3.98 -11.14 -12.67
N THR B 7 5.22 -11.39 -13.08
CA THR B 7 6.24 -11.93 -12.16
C THR B 7 7.58 -11.14 -12.25
N PRO B 8 8.23 -10.86 -11.13
CA PRO B 8 7.83 -11.33 -9.79
C PRO B 8 7.08 -10.22 -9.05
N LEU B 9 6.58 -10.51 -7.86
CA LEU B 9 5.85 -9.50 -7.08
C LEU B 9 6.83 -8.44 -6.59
N THR B 10 7.99 -8.92 -6.13
CA THR B 10 9.09 -8.06 -5.67
C THR B 10 10.39 -8.51 -6.32
N LEU B 11 11.13 -7.56 -6.90
CA LEU B 11 12.32 -7.83 -7.71
C LEU B 11 13.49 -6.98 -7.20
N PRO B 12 14.40 -7.60 -6.42
CA PRO B 12 15.62 -6.88 -6.07
C PRO B 12 16.47 -6.58 -7.29
N VAL B 13 16.98 -5.37 -7.38
CA VAL B 13 18.00 -5.01 -8.37
C VAL B 13 19.05 -4.17 -7.68
N SER B 14 20.34 -4.46 -7.91
CA SER B 14 21.41 -3.54 -7.52
C SER B 14 21.28 -2.32 -8.43
N PRO B 15 21.60 -1.11 -7.92
CA PRO B 15 21.74 0.00 -8.87
C PRO B 15 22.80 -0.38 -9.91
N GLY B 16 22.55 -0.03 -11.18
CA GLY B 16 23.44 -0.38 -12.30
C GLY B 16 23.13 -1.67 -13.05
N GLN B 17 22.43 -2.61 -12.41
CA GLN B 17 22.10 -3.92 -13.00
C GLN B 17 20.79 -3.86 -13.80
N ARG B 18 20.42 -4.99 -14.41
CA ARG B 18 19.22 -5.10 -15.23
C ARG B 18 18.06 -5.55 -14.39
N ALA B 19 16.88 -5.02 -14.71
CA ALA B 19 15.61 -5.47 -14.19
C ALA B 19 14.82 -6.05 -15.34
N THR B 20 14.37 -7.30 -15.17
CA THR B 20 13.58 -7.97 -16.19
C THR B 20 12.24 -8.32 -15.58
N ILE B 21 11.16 -7.74 -16.10
CA ILE B 21 9.80 -7.94 -15.50
C ILE B 21 8.98 -8.66 -16.54
N SER B 22 8.34 -9.77 -16.14
CA SER B 22 7.60 -10.63 -17.06
C SER B 22 6.11 -10.45 -16.85
N CYS B 23 5.36 -10.60 -17.93
CA CYS B 23 3.90 -10.62 -17.85
C CYS B 23 3.39 -11.68 -18.79
N ARG B 24 2.76 -12.71 -18.25
CA ARG B 24 2.07 -13.74 -19.06
C ARG B 24 0.57 -13.48 -19.09
N ALA B 25 -0.02 -13.46 -20.27
CA ALA B 25 -1.47 -13.42 -20.43
C ALA B 25 -2.02 -14.83 -20.57
N SER B 26 -3.22 -15.04 -20.04
CA SER B 26 -3.85 -16.36 -20.00
C SER B 26 -4.38 -16.78 -21.37
N GLN B 27 -4.45 -15.84 -22.31
CA GLN B 27 -4.60 -16.16 -23.73
C GLN B 27 -3.87 -15.08 -24.53
N SER B 28 -3.86 -15.20 -25.85
CA SER B 28 -3.15 -14.26 -26.71
C SER B 28 -3.84 -12.92 -26.78
N VAL B 29 -3.03 -11.87 -26.84
CA VAL B 29 -3.49 -10.49 -26.97
C VAL B 29 -2.94 -9.89 -28.26
N ASP B 30 -2.72 -10.75 -29.26
CA ASP B 30 -2.27 -10.32 -30.59
C ASP B 30 -3.46 -10.14 -31.52
N ASP B 31 -3.36 -9.18 -32.43
CA ASP B 31 -4.34 -9.00 -33.50
C ASP B 31 -3.73 -8.14 -34.59
N ASN B 32 -3.73 -8.65 -35.83
CA ASN B 32 -3.23 -7.92 -37.01
C ASN B 32 -1.78 -7.42 -36.82
N GLY B 33 -0.92 -8.30 -36.32
CA GLY B 33 0.49 -7.95 -36.05
C GLY B 33 0.77 -7.02 -34.88
N HIS B 34 -0.27 -6.51 -34.20
CA HIS B 34 -0.11 -5.71 -32.97
C HIS B 34 -0.33 -6.61 -31.75
N SER B 35 0.56 -6.52 -30.78
CA SER B 35 0.40 -7.17 -29.48
C SER B 35 -0.06 -6.09 -28.49
N PHE B 36 -1.29 -6.20 -27.97
CA PHE B 36 -1.91 -5.15 -27.13
C PHE B 36 -1.57 -5.35 -25.64
N MET B 37 -0.34 -5.03 -25.27
CA MET B 37 0.10 -5.10 -23.88
C MET B 37 0.79 -3.80 -23.56
N ASN B 38 0.34 -3.16 -22.49
CA ASN B 38 0.82 -1.85 -22.12
C ASN B 38 1.48 -1.93 -20.75
N TRP B 39 2.45 -1.05 -20.49
CA TRP B 39 3.17 -1.05 -19.22
C TRP B 39 3.10 0.34 -18.60
N TYR B 40 2.97 0.37 -17.27
CA TYR B 40 2.87 1.60 -16.47
C TYR B 40 3.86 1.59 -15.35
N GLN B 41 4.16 2.79 -14.86
CA GLN B 41 5.02 2.99 -13.69
C GLN B 41 4.23 3.76 -12.66
N GLN B 42 4.30 3.33 -11.40
CA GLN B 42 3.67 4.06 -10.31
C GLN B 42 4.60 4.17 -9.13
N LYS B 43 4.71 5.38 -8.60
CA LYS B 43 5.41 5.64 -7.33
C LYS B 43 4.38 5.92 -6.24
N PRO B 44 4.73 5.66 -4.97
CA PRO B 44 3.75 5.89 -3.89
C PRO B 44 3.14 7.31 -3.89
N GLY B 45 1.82 7.38 -3.70
CA GLY B 45 1.10 8.64 -3.70
C GLY B 45 0.92 9.32 -5.05
N GLN B 46 1.22 8.63 -6.14
CA GLN B 46 1.09 9.21 -7.46
C GLN B 46 0.24 8.31 -8.38
N PRO B 47 -0.41 8.91 -9.39
CA PRO B 47 -1.02 8.07 -10.42
C PRO B 47 -0.03 7.19 -11.17
N PRO B 48 -0.52 6.11 -11.81
CA PRO B 48 0.30 5.40 -12.77
C PRO B 48 0.67 6.33 -13.93
N LYS B 49 1.78 6.02 -14.62
CA LYS B 49 2.20 6.70 -15.87
C LYS B 49 2.48 5.67 -16.94
N LEU B 50 1.90 5.91 -18.12
CA LEU B 50 2.10 5.05 -19.27
C LEU B 50 3.56 5.10 -19.67
N LEU B 51 4.17 3.93 -19.80
CA LEU B 51 5.53 3.82 -20.31
C LEU B 51 5.57 3.29 -21.74
N VAL B 52 4.90 2.16 -21.95
CA VAL B 52 4.94 1.40 -23.18
C VAL B 52 3.52 1.07 -23.58
N HIS B 53 3.24 1.13 -24.87
CA HIS B 53 2.00 0.65 -25.43
C HIS B 53 2.31 -0.25 -26.64
N ALA B 54 1.34 -1.08 -27.01
CA ALA B 54 1.51 -2.15 -28.02
C ALA B 54 2.83 -2.92 -27.87
N ALA B 55 3.09 -3.39 -26.65
CA ALA B 55 4.22 -4.27 -26.28
C ALA B 55 5.62 -3.63 -26.25
N SER B 56 5.97 -2.88 -27.30
CA SER B 56 7.34 -2.38 -27.49
C SER B 56 7.47 -0.89 -27.82
N TYR B 57 6.36 -0.17 -28.02
CA TYR B 57 6.42 1.25 -28.40
C TYR B 57 6.50 2.13 -27.13
N VAL B 58 7.72 2.57 -26.85
CA VAL B 58 8.02 3.43 -25.72
C VAL B 58 7.40 4.80 -25.95
N LYS B 59 6.64 5.30 -24.96
CA LYS B 59 5.94 6.58 -25.07
C LYS B 59 6.98 7.72 -25.11
N SER B 60 6.68 8.77 -25.88
CA SER B 60 7.68 9.83 -26.10
C SER B 60 8.06 10.57 -24.81
N GLY B 61 9.37 10.68 -24.58
CA GLY B 61 9.92 11.28 -23.38
C GLY B 61 10.38 10.27 -22.34
N VAL B 62 9.98 9.00 -22.49
CA VAL B 62 10.44 7.96 -21.60
C VAL B 62 11.88 7.59 -21.99
N PRO B 63 12.81 7.52 -21.01
CA PRO B 63 14.21 7.23 -21.35
C PRO B 63 14.45 5.88 -22.06
N ALA B 64 15.56 5.81 -22.79
CA ALA B 64 15.88 4.68 -23.67
C ALA B 64 16.21 3.39 -22.94
N ARG B 65 16.66 3.50 -21.68
CA ARG B 65 16.94 2.33 -20.85
C ARG B 65 15.67 1.52 -20.51
N PHE B 66 14.49 2.05 -20.82
CA PHE B 66 13.25 1.27 -20.80
C PHE B 66 13.07 0.64 -22.18
N SER B 67 12.73 -0.66 -22.21
CA SER B 67 12.31 -1.30 -23.47
C SER B 67 11.25 -2.37 -23.20
N GLY B 68 10.20 -2.39 -24.04
CA GLY B 68 9.18 -3.42 -23.98
C GLY B 68 9.39 -4.45 -25.07
N SER B 69 9.09 -5.71 -24.77
CA SER B 69 9.21 -6.80 -25.76
C SER B 69 8.25 -7.97 -25.46
N GLY B 70 8.16 -8.90 -26.41
CA GLY B 70 7.24 -10.04 -26.31
C GLY B 70 6.15 -9.99 -27.36
N SER B 71 5.34 -11.05 -27.37
CA SER B 71 4.19 -11.20 -28.28
C SER B 71 3.33 -12.35 -27.78
N GLY B 72 2.21 -12.58 -28.44
CA GLY B 72 1.28 -13.64 -28.04
C GLY B 72 0.83 -13.51 -26.60
N THR B 73 1.39 -14.35 -25.75
CA THR B 73 1.01 -14.45 -24.35
C THR B 73 2.12 -14.07 -23.36
N ASP B 74 3.35 -13.79 -23.82
CA ASP B 74 4.49 -13.55 -22.91
C ASP B 74 5.16 -12.25 -23.29
N PHE B 75 5.33 -11.38 -22.30
CA PHE B 75 5.82 -10.04 -22.50
C PHE B 75 6.82 -9.66 -21.45
N THR B 76 7.66 -8.71 -21.79
CA THR B 76 8.77 -8.31 -20.95
C THR B 76 9.00 -6.81 -20.97
N LEU B 77 9.26 -6.27 -19.78
CA LEU B 77 9.74 -4.91 -19.64
C LEU B 77 11.13 -5.01 -19.04
N THR B 78 12.12 -4.46 -19.73
CA THR B 78 13.49 -4.47 -19.22
C THR B 78 13.95 -3.05 -18.90
N ILE B 79 14.64 -2.93 -17.76
CA ILE B 79 15.23 -1.68 -17.35
C ILE B 79 16.71 -1.95 -17.07
N HIS B 80 17.56 -1.35 -17.91
CA HIS B 80 18.99 -1.64 -17.96
C HIS B 80 19.72 -0.35 -18.44
N PRO B 81 20.42 0.38 -17.55
CA PRO B 81 20.57 0.09 -16.12
C PRO B 81 19.45 0.73 -15.30
N VAL B 82 19.27 0.25 -14.07
CA VAL B 82 18.26 0.79 -13.14
C VAL B 82 18.86 2.00 -12.41
N GLU B 83 18.38 3.19 -12.76
CA GLU B 83 18.77 4.44 -12.08
C GLU B 83 17.87 4.68 -10.87
N PRO B 84 18.37 5.40 -9.84
CA PRO B 84 17.63 5.49 -8.57
C PRO B 84 16.15 5.96 -8.67
N GLU B 85 15.83 6.81 -9.64
CA GLU B 85 14.43 7.21 -9.89
C GLU B 85 13.52 6.09 -10.48
N ASP B 86 14.12 5.02 -11.02
CA ASP B 86 13.38 3.89 -11.60
C ASP B 86 12.77 2.94 -10.54
N PHE B 87 13.25 2.99 -9.31
CA PHE B 87 12.69 2.15 -8.26
C PHE B 87 11.25 2.58 -7.97
N ALA B 88 10.30 1.70 -8.28
CA ALA B 88 8.87 2.01 -8.31
C ALA B 88 8.12 0.71 -8.55
N THR B 89 6.80 0.78 -8.59
CA THR B 89 6.00 -0.35 -8.98
C THR B 89 5.62 -0.26 -10.46
N TYR B 90 5.61 -1.40 -11.13
CA TYR B 90 5.30 -1.49 -12.55
C TYR B 90 4.13 -2.42 -12.76
N TYR B 91 3.28 -2.09 -13.73
CA TYR B 91 2.12 -2.91 -14.04
C TYR B 91 2.04 -3.15 -15.51
N CYS B 92 1.68 -4.36 -15.89
CA CYS B 92 1.29 -4.65 -17.26
C CYS B 92 -0.25 -4.57 -17.35
N GLN B 93 -0.76 -4.31 -18.54
CA GLN B 93 -2.21 -4.17 -18.78
C GLN B 93 -2.50 -4.59 -20.19
N GLN B 94 -3.47 -5.48 -20.37
CA GLN B 94 -3.86 -5.91 -21.71
C GLN B 94 -5.00 -5.03 -22.21
N GLY B 95 -4.91 -4.62 -23.47
CA GLY B 95 -5.94 -3.85 -24.14
C GLY B 95 -6.53 -4.63 -25.31
N TYR B 96 -6.55 -5.95 -25.20
CA TYR B 96 -7.04 -6.80 -26.29
C TYR B 96 -8.57 -6.85 -26.25
N SER B 97 -9.13 -7.25 -25.11
CA SER B 97 -10.58 -7.25 -24.95
C SER B 97 -11.01 -6.86 -23.53
N HIS B 98 -12.24 -6.34 -23.47
CA HIS B 98 -12.88 -5.97 -22.21
C HIS B 98 -13.16 -7.23 -21.39
N PRO B 99 -13.08 -7.16 -20.07
CA PRO B 99 -12.63 -5.99 -19.35
C PRO B 99 -11.11 -5.83 -19.46
N TRP B 100 -10.65 -4.58 -19.50
CA TRP B 100 -9.22 -4.32 -19.45
C TRP B 100 -8.71 -4.86 -18.11
N THR B 101 -7.56 -5.53 -18.14
CA THR B 101 -7.02 -6.15 -16.94
C THR B 101 -5.55 -5.81 -16.74
N PHE B 102 -5.14 -5.79 -15.49
CA PHE B 102 -3.80 -5.47 -15.11
C PHE B 102 -3.15 -6.68 -14.45
N GLY B 103 -1.84 -6.74 -14.57
CA GLY B 103 -1.07 -7.66 -13.76
C GLY B 103 -1.05 -7.18 -12.33
N GLY B 104 -0.58 -8.04 -11.45
CA GLY B 104 -0.59 -7.75 -10.02
C GLY B 104 0.49 -6.79 -9.57
N GLY B 105 1.39 -6.41 -10.46
CA GLY B 105 2.39 -5.39 -10.12
C GLY B 105 3.75 -6.03 -9.85
N THR B 106 4.81 -5.26 -10.06
CA THR B 106 6.17 -5.65 -9.69
C THR B 106 6.84 -4.44 -9.07
N LYS B 107 7.20 -4.54 -7.80
CA LYS B 107 7.96 -3.48 -7.14
C LYS B 107 9.46 -3.75 -7.31
N LEU B 108 10.19 -2.80 -7.87
CA LEU B 108 11.65 -2.90 -7.91
C LEU B 108 12.17 -2.45 -6.57
N GLU B 109 13.00 -3.26 -5.93
CA GLU B 109 13.59 -2.86 -4.67
C GLU B 109 15.11 -2.81 -4.84
N ILE B 110 15.73 -1.97 -4.03
CA ILE B 110 17.17 -1.77 -4.09
C ILE B 110 17.80 -2.98 -3.41
N LYS B 111 18.71 -3.62 -4.14
CA LYS B 111 19.50 -4.71 -3.61
C LYS B 111 20.65 -4.07 -2.83
N ARG B 112 20.87 -4.57 -1.63
CA ARG B 112 22.03 -4.20 -0.84
C ARG B 112 22.46 -5.46 -0.12
N THR B 113 23.47 -5.37 0.73
CA THR B 113 23.92 -6.56 1.44
C THR B 113 22.90 -6.97 2.49
N VAL B 114 23.05 -8.21 2.94
CA VAL B 114 22.17 -8.79 3.94
C VAL B 114 22.41 -8.06 5.25
N ALA B 115 21.35 -7.74 5.95
CA ALA B 115 21.44 -7.12 7.29
C ALA B 115 20.39 -7.80 8.16
N ALA B 116 20.83 -8.34 9.28
CA ALA B 116 19.97 -9.03 10.22
C ALA B 116 19.09 -8.04 10.95
N PRO B 117 17.84 -8.43 11.26
CA PRO B 117 17.01 -7.54 12.07
C PRO B 117 17.49 -7.43 13.49
N SER B 118 17.34 -6.25 14.10
CA SER B 118 17.32 -6.09 15.56
C SER B 118 15.89 -6.32 16.05
N VAL B 119 15.70 -7.24 16.98
CA VAL B 119 14.35 -7.66 17.43
C VAL B 119 14.02 -7.15 18.82
N PHE B 120 12.81 -6.61 18.97
CA PHE B 120 12.30 -6.09 20.23
C PHE B 120 10.86 -6.53 20.44
N ILE B 121 10.50 -6.77 21.69
CA ILE B 121 9.16 -7.19 22.06
C ILE B 121 8.62 -6.17 23.08
N PHE B 122 7.32 -5.88 22.99
CA PHE B 122 6.65 -4.90 23.84
C PHE B 122 5.38 -5.52 24.42
N PRO B 123 5.30 -5.64 25.76
CA PRO B 123 4.02 -6.00 26.35
C PRO B 123 2.93 -4.96 26.01
N PRO B 124 1.64 -5.34 26.10
CA PRO B 124 0.61 -4.30 26.13
C PRO B 124 0.80 -3.37 27.32
N SER B 125 0.43 -2.10 27.16
CA SER B 125 0.44 -1.13 28.24
C SER B 125 -0.65 -1.49 29.26
N ASP B 126 -0.43 -1.11 30.51
CA ASP B 126 -1.50 -1.23 31.52
C ASP B 126 -2.71 -0.40 31.10
N GLU B 127 -2.45 0.72 30.41
CA GLU B 127 -3.53 1.58 29.92
C GLU B 127 -4.44 0.83 28.92
N GLN B 128 -3.86 0.18 27.92
CA GLN B 128 -4.67 -0.59 26.97
C GLN B 128 -5.46 -1.70 27.66
N LEU B 129 -4.80 -2.38 28.62
CA LEU B 129 -5.42 -3.48 29.33
C LEU B 129 -6.71 -3.06 30.03
N LYS B 130 -6.73 -1.86 30.63
CA LYS B 130 -7.97 -1.29 31.19
C LYS B 130 -9.17 -1.34 30.23
N SER B 131 -8.92 -1.05 28.95
CA SER B 131 -9.99 -0.99 27.94
C SER B 131 -10.57 -2.35 27.50
N GLY B 132 -9.83 -3.44 27.75
CA GLY B 132 -10.29 -4.80 27.41
C GLY B 132 -9.59 -5.54 26.27
N THR B 133 -8.55 -4.96 25.69
CA THR B 133 -7.82 -5.63 24.61
C THR B 133 -6.34 -5.69 24.98
N ALA B 134 -5.64 -6.66 24.41
CA ALA B 134 -4.21 -6.75 24.62
C ALA B 134 -3.49 -6.87 23.28
N SER B 135 -2.60 -5.92 23.00
CA SER B 135 -1.80 -5.92 21.80
C SER B 135 -0.35 -6.13 22.20
N VAL B 136 0.25 -7.19 21.67
CA VAL B 136 1.64 -7.51 21.89
C VAL B 136 2.40 -7.27 20.61
N VAL B 137 3.45 -6.45 20.66
CA VAL B 137 4.13 -6.02 19.47
C VAL B 137 5.55 -6.54 19.41
N CYS B 138 5.88 -7.18 18.30
CA CYS B 138 7.25 -7.60 17.97
C CYS B 138 7.78 -6.69 16.85
N LEU B 139 8.94 -6.07 17.08
CA LEU B 139 9.59 -5.18 16.11
C LEU B 139 10.85 -5.82 15.62
N LEU B 140 10.98 -5.90 14.29
CA LEU B 140 12.21 -6.24 13.62
C LEU B 140 12.70 -4.99 12.90
N ASN B 141 13.88 -4.51 13.28
CA ASN B 141 14.34 -3.18 12.85
C ASN B 141 15.53 -3.30 11.91
N ASN B 142 15.42 -2.61 10.79
CA ASN B 142 16.51 -2.34 9.85
C ASN B 142 17.17 -3.60 9.30
N PHE B 143 16.43 -4.36 8.51
CA PHE B 143 16.92 -5.60 7.95
C PHE B 143 16.75 -5.63 6.43
N TYR B 144 17.48 -6.55 5.81
CA TYR B 144 17.41 -6.81 4.38
C TYR B 144 17.93 -8.24 4.16
N PRO B 145 17.30 -9.08 3.33
CA PRO B 145 16.15 -8.76 2.49
C PRO B 145 14.82 -8.79 3.25
N ARG B 146 13.74 -8.54 2.55
CA ARG B 146 12.43 -8.39 3.15
C ARG B 146 11.89 -9.62 3.85
N GLU B 147 12.25 -10.81 3.37
CA GLU B 147 11.62 -12.05 3.75
C GLU B 147 12.07 -12.41 5.16
N ALA B 148 11.09 -12.72 6.01
CA ALA B 148 11.36 -13.04 7.40
C ALA B 148 10.15 -13.74 7.98
N LYS B 149 10.38 -14.77 8.76
CA LYS B 149 9.27 -15.47 9.39
C LYS B 149 9.25 -15.04 10.84
N VAL B 150 8.08 -14.58 11.28
CA VAL B 150 7.82 -14.21 12.66
C VAL B 150 6.78 -15.12 13.24
N GLN B 151 7.16 -15.96 14.19
CA GLN B 151 6.24 -16.87 14.91
C GLN B 151 5.97 -16.34 16.31
N TRP B 152 4.72 -16.39 16.73
CA TRP B 152 4.34 -16.06 18.09
C TRP B 152 4.13 -17.35 18.82
N LYS B 153 4.57 -17.37 20.08
CA LYS B 153 4.34 -18.50 20.96
C LYS B 153 3.95 -17.99 22.34
N VAL B 154 2.93 -18.65 22.88
CA VAL B 154 2.27 -18.27 24.11
C VAL B 154 2.23 -19.52 24.97
N ASP B 155 3.03 -19.53 26.03
CA ASP B 155 3.32 -20.73 26.80
C ASP B 155 3.66 -21.93 25.90
N ASN B 156 4.51 -21.65 24.88
CA ASN B 156 4.97 -22.62 23.87
C ASN B 156 3.96 -23.07 22.80
N ALA B 157 2.69 -22.64 22.90
CA ALA B 157 1.71 -22.90 21.85
C ALA B 157 1.88 -21.91 20.71
N LEU B 158 2.03 -22.44 19.51
CA LEU B 158 2.18 -21.62 18.31
C LEU B 158 0.85 -20.95 18.00
N GLN B 159 0.91 -19.65 17.76
CA GLN B 159 -0.26 -18.84 17.51
C GLN B 159 -0.57 -18.79 16.03
N SER B 160 -1.87 -18.80 15.72
CA SER B 160 -2.34 -18.85 14.35
C SER B 160 -3.56 -17.94 14.20
N GLY B 161 -3.52 -17.07 13.20
CA GLY B 161 -4.67 -16.23 12.84
C GLY B 161 -5.03 -15.06 13.74
N ASN B 162 -4.20 -14.74 14.74
CA ASN B 162 -4.49 -13.61 15.65
C ASN B 162 -3.35 -12.57 15.60
N SER B 163 -2.61 -12.55 14.49
CA SER B 163 -1.52 -11.60 14.34
C SER B 163 -1.51 -11.01 12.93
N GLN B 164 -1.00 -9.79 12.84
CA GLN B 164 -0.90 -9.08 11.56
C GLN B 164 0.48 -8.45 11.48
N GLU B 165 1.09 -8.57 10.30
CA GLU B 165 2.38 -7.97 10.00
C GLU B 165 2.16 -6.73 9.16
N SER B 166 3.05 -5.76 9.37
CA SER B 166 3.11 -4.52 8.60
C SER B 166 4.60 -4.15 8.41
N VAL B 167 4.98 -3.77 7.19
CA VAL B 167 6.37 -3.52 6.81
C VAL B 167 6.46 -2.13 6.19
N THR B 168 7.51 -1.40 6.55
CA THR B 168 7.79 -0.09 6.00
C THR B 168 8.34 -0.23 4.58
N GLU B 169 8.37 0.88 3.85
CA GLU B 169 9.11 0.94 2.59
C GLU B 169 10.61 0.94 2.88
N GLN B 170 11.42 0.61 1.88
CA GLN B 170 12.86 0.63 2.06
C GLN B 170 13.30 1.97 2.57
N ASP B 171 14.17 2.01 3.57
CA ASP B 171 14.68 3.27 4.13
C ASP B 171 15.53 4.01 3.08
N SER B 172 15.39 5.32 3.03
CA SER B 172 16.02 6.10 1.96
C SER B 172 17.52 6.25 2.14
N LYS B 173 18.00 6.15 3.39
CA LYS B 173 19.44 6.18 3.68
C LYS B 173 20.09 4.82 3.45
N ASP B 174 19.60 3.77 4.12
CA ASP B 174 20.29 2.46 4.14
C ASP B 174 19.59 1.31 3.38
N SER B 175 18.44 1.57 2.77
CA SER B 175 17.67 0.56 2.02
C SER B 175 17.21 -0.68 2.80
N THR B 176 17.09 -0.56 4.12
CA THR B 176 16.57 -1.65 4.92
C THR B 176 15.07 -1.53 5.11
N TYR B 177 14.47 -2.62 5.57
CA TYR B 177 13.09 -2.62 5.98
C TYR B 177 13.03 -2.67 7.49
N SER B 178 11.90 -2.22 8.02
CA SER B 178 11.48 -2.63 9.37
C SER B 178 10.10 -3.22 9.28
N LEU B 179 9.75 -4.01 10.30
CA LEU B 179 8.50 -4.76 10.31
C LEU B 179 7.98 -4.84 11.73
N SER B 180 6.66 -4.69 11.87
CA SER B 180 5.95 -4.95 13.12
C SER B 180 5.06 -6.18 12.93
N SER B 181 4.97 -7.01 13.96
CA SER B 181 4.02 -8.10 14.02
C SER B 181 3.31 -7.91 15.33
N THR B 182 1.98 -7.83 15.25
CA THR B 182 1.14 -7.44 16.37
C THR B 182 0.19 -8.57 16.64
N LEU B 183 0.23 -9.08 17.87
CA LEU B 183 -0.60 -10.17 18.33
C LEU B 183 -1.71 -9.53 19.13
N THR B 184 -2.96 -9.75 18.73
CA THR B 184 -4.09 -9.14 19.39
C THR B 184 -4.91 -10.22 20.08
N LEU B 185 -5.06 -10.07 21.39
CA LEU B 185 -5.84 -10.98 22.22
C LEU B 185 -6.80 -10.15 23.06
N SER B 186 -7.88 -10.77 23.52
CA SER B 186 -8.70 -10.16 24.57
C SER B 186 -7.91 -10.13 25.87
N LYS B 187 -8.30 -9.23 26.77
CA LYS B 187 -7.68 -9.15 28.09
C LYS B 187 -7.78 -10.50 28.80
N ALA B 188 -8.94 -11.13 28.67
CA ALA B 188 -9.20 -12.47 29.19
C ALA B 188 -8.16 -13.51 28.72
N ASP B 189 -8.02 -13.67 27.41
CA ASP B 189 -7.05 -14.61 26.83
C ASP B 189 -5.62 -14.25 27.24
N TYR B 190 -5.30 -12.96 27.23
CA TYR B 190 -3.96 -12.48 27.62
C TYR B 190 -3.56 -12.93 29.00
N GLU B 191 -4.50 -12.78 29.94
CA GLU B 191 -4.26 -13.11 31.33
C GLU B 191 -4.15 -14.63 31.62
N LYS B 192 -4.64 -15.50 30.74
CA LYS B 192 -4.54 -16.96 30.96
C LYS B 192 -3.13 -17.55 30.87
N HIS B 193 -2.18 -16.81 30.31
CA HIS B 193 -0.83 -17.33 30.02
C HIS B 193 0.25 -16.42 30.56
N LYS B 194 1.46 -16.97 30.65
CA LYS B 194 2.62 -16.31 31.24
C LYS B 194 3.67 -15.82 30.23
N VAL B 195 4.21 -16.73 29.43
CA VAL B 195 5.35 -16.43 28.54
C VAL B 195 4.84 -16.05 27.19
N TYR B 196 5.32 -14.90 26.71
CA TYR B 196 4.98 -14.42 25.38
C TYR B 196 6.30 -14.27 24.63
N ALA B 197 6.39 -14.91 23.47
CA ALA B 197 7.62 -15.01 22.70
C ALA B 197 7.37 -14.78 21.22
N CYS B 198 8.31 -14.06 20.62
CA CYS B 198 8.30 -13.75 19.20
C CYS B 198 9.56 -14.41 18.63
N GLU B 199 9.45 -15.37 17.69
CA GLU B 199 10.65 -16.04 17.09
C GLU B 199 10.82 -15.53 15.68
N VAL B 200 12.03 -15.07 15.38
CA VAL B 200 12.31 -14.47 14.11
C VAL B 200 13.37 -15.29 13.38
N THR B 201 13.00 -15.74 12.18
CA THR B 201 13.93 -16.40 11.28
C THR B 201 14.20 -15.47 10.09
N HIS B 202 15.47 -15.20 9.82
CA HIS B 202 15.90 -14.32 8.73
C HIS B 202 17.30 -14.76 8.27
N GLN B 203 17.58 -14.69 6.97
CA GLN B 203 18.84 -15.21 6.45
C GLN B 203 20.09 -14.52 7.02
N GLY B 204 19.95 -13.31 7.54
CA GLY B 204 21.03 -12.63 8.25
C GLY B 204 21.35 -13.17 9.63
N LEU B 205 20.48 -14.01 10.19
CA LEU B 205 20.68 -14.64 11.51
C LEU B 205 21.12 -16.10 11.34
N SER B 206 22.24 -16.49 11.95
CA SER B 206 22.73 -17.89 11.85
C SER B 206 21.69 -18.89 12.38
N SER B 207 21.12 -18.56 13.55
CA SER B 207 19.97 -19.28 14.10
C SER B 207 18.87 -18.30 14.48
N PRO B 208 17.60 -18.75 14.45
CA PRO B 208 16.49 -17.88 14.84
C PRO B 208 16.65 -17.16 16.19
N VAL B 209 16.10 -15.94 16.25
CA VAL B 209 16.15 -15.13 17.47
C VAL B 209 14.76 -15.11 18.13
N THR B 210 14.74 -15.38 19.42
CA THR B 210 13.53 -15.26 20.22
C THR B 210 13.68 -14.12 21.23
N LYS B 211 12.72 -13.20 21.24
CA LYS B 211 12.56 -12.26 22.35
C LYS B 211 11.29 -12.63 23.06
N SER B 212 11.35 -12.61 24.37
CA SER B 212 10.21 -12.94 25.20
C SER B 212 10.18 -12.13 26.49
N PHE B 213 9.04 -12.16 27.15
CA PHE B 213 8.89 -11.64 28.50
C PHE B 213 7.84 -12.50 29.22
N ASN B 214 7.86 -12.39 30.54
CA ASN B 214 6.79 -12.93 31.39
C ASN B 214 5.86 -11.79 31.78
N ARG B 215 4.56 -12.03 31.63
CA ARG B 215 3.51 -11.08 32.02
C ARG B 215 3.74 -10.50 33.43
N GLY B 216 4.36 -9.31 33.52
CA GLY B 216 4.80 -8.72 34.81
C GLY B 216 6.13 -7.97 34.69
#